data_7XB9
#
_entry.id   7XB9
#
_cell.length_a   44.757
_cell.length_b   69.949
_cell.length_c   170.237
_cell.angle_alpha   90.000
_cell.angle_beta   90.000
_cell.angle_gamma   90.000
#
_symmetry.space_group_name_H-M   'P 21 21 21'
#
loop_
_entity.id
_entity.type
_entity.pdbx_description
1 polymer 'Phosphoglycerate mutase 1'
2 non-polymer 'CHLORIDE ION'
3 non-polymer '3-[[5-(cyclopenten-1-yl)-2-methoxycarbonyl-phenyl]sulfamoyl]benzenesulfonic acid'
4 water water
#
_entity_poly.entity_id   1
_entity_poly.type   'polypeptide(L)'
_entity_poly.pdbx_seq_one_letter_code
;MAAYKLVLIRHGESAWNLENRFSGWYDADLSPAGHEEAKRGGQALRDAGYEFDICFTSVQKRAIRTLWTVLDAIDQMWLP
VVRTWRLNERHYGGLTGLNKAETAAKHGEAQVKIWRRSYDVPPPPMEPDHPFYSNISKDRRYADLTEDQLPSCESLKDTI
ARALPFWNEEIVPQIKEGKRVLIAAHGNSLRGIVKHLEGLSEEAIMELNLPTGIPIVYELDKNLKPIKPMQFLGDEETVR
KAMEAVAAQGKAKKLEHHHHHH
;
_entity_poly.pdbx_strand_id   B,C
#
# COMPACT_ATOMS: atom_id res chain seq x y z
N ALA A 3 24.67 9.39 -11.65
CA ALA A 3 24.10 9.76 -10.37
C ALA A 3 22.76 9.07 -10.14
N TYR A 4 21.67 9.84 -10.18
CA TYR A 4 20.38 9.34 -9.71
C TYR A 4 19.73 8.38 -10.71
N LYS A 5 18.97 7.43 -10.18
CA LYS A 5 18.22 6.47 -10.98
C LYS A 5 16.75 6.61 -10.62
N LEU A 6 15.90 6.79 -11.63
CA LEU A 6 14.45 6.94 -11.46
C LEU A 6 13.74 5.96 -12.37
N VAL A 7 12.70 5.29 -11.86
CA VAL A 7 11.94 4.32 -12.62
C VAL A 7 10.46 4.69 -12.63
N LEU A 8 9.86 4.65 -13.82
CA LEU A 8 8.44 4.89 -14.02
C LEU A 8 7.81 3.61 -14.56
N ILE A 9 6.55 3.37 -14.21
CA ILE A 9 5.80 2.29 -14.85
C ILE A 9 4.35 2.73 -15.07
N ARG A 10 3.87 2.54 -16.28
CA ARG A 10 2.51 2.85 -16.65
C ARG A 10 1.66 1.59 -16.53
N HIS A 11 0.50 1.68 -15.86
CA HIS A 11 -0.34 0.49 -15.73
C HIS A 11 -0.84 0.04 -17.09
N GLY A 12 -1.21 -1.22 -17.18
CA GLY A 12 -1.75 -1.80 -18.39
C GLY A 12 -3.27 -1.70 -18.48
N GLU A 13 -3.83 -2.60 -19.27
CA GLU A 13 -5.23 -2.54 -19.68
C GLU A 13 -6.18 -2.62 -18.49
N SER A 14 -7.33 -1.92 -18.61
CA SER A 14 -8.35 -1.85 -17.58
C SER A 14 -9.65 -2.54 -18.01
N ALA A 15 -10.55 -2.70 -17.04
CA ALA A 15 -11.84 -3.33 -17.30
C ALA A 15 -12.66 -2.55 -18.31
N TRP A 16 -12.52 -1.23 -18.31
CA TRP A 16 -13.29 -0.47 -19.29
C TRP A 16 -12.61 -0.40 -20.65
N ASN A 17 -11.28 -0.61 -20.73
CA ASN A 17 -10.68 -0.80 -22.04
C ASN A 17 -11.34 -1.99 -22.75
N LEU A 18 -11.79 -2.99 -21.98
CA LEU A 18 -12.44 -4.16 -22.55
C LEU A 18 -13.74 -3.80 -23.23
N GLU A 19 -14.37 -2.70 -22.81
CA GLU A 19 -15.61 -2.22 -23.40
C GLU A 19 -15.38 -1.00 -24.27
N ASN A 20 -14.11 -0.66 -24.54
CA ASN A 20 -13.75 0.50 -25.34
C ASN A 20 -14.38 1.78 -24.79
N ARG A 21 -14.49 1.86 -23.46
CA ARG A 21 -15.10 3.00 -22.79
C ARG A 21 -14.02 3.89 -22.19
N PHE A 22 -14.25 5.19 -22.25
CA PHE A 22 -13.33 6.14 -21.63
C PHE A 22 -13.42 6.02 -20.11
N SER A 23 -12.29 5.74 -19.45
CA SER A 23 -12.31 5.58 -18.00
C SER A 23 -12.02 6.90 -17.27
N GLY A 24 -10.85 7.47 -17.51
CA GLY A 24 -10.52 8.72 -16.85
C GLY A 24 -10.47 8.48 -15.36
N TRP A 25 -11.27 9.24 -14.62
CA TRP A 25 -11.31 9.09 -13.18
C TRP A 25 -12.23 7.96 -12.70
N TYR A 26 -12.98 7.31 -13.60
CA TYR A 26 -13.74 6.14 -13.15
C TYR A 26 -12.76 5.08 -12.67
N ASP A 27 -13.07 4.46 -11.53
CA ASP A 27 -12.09 3.60 -10.85
C ASP A 27 -12.13 2.17 -11.37
N ALA A 28 -11.95 2.01 -12.67
CA ALA A 28 -11.92 0.69 -13.28
C ALA A 28 -10.72 -0.11 -12.80
N ASP A 29 -10.96 -1.39 -12.53
CA ASP A 29 -9.88 -2.28 -12.15
C ASP A 29 -9.05 -2.66 -13.38
N LEU A 30 -7.86 -3.21 -13.12
CA LEU A 30 -7.11 -3.84 -14.19
C LEU A 30 -7.93 -4.97 -14.78
N SER A 31 -7.82 -5.13 -16.09
CA SER A 31 -8.30 -6.33 -16.73
C SER A 31 -7.34 -7.46 -16.43
N PRO A 32 -7.72 -8.70 -16.75
CA PRO A 32 -6.73 -9.78 -16.66
C PRO A 32 -5.44 -9.51 -17.42
N ALA A 33 -5.49 -8.95 -18.62
CA ALA A 33 -4.26 -8.68 -19.37
C ALA A 33 -3.45 -7.58 -18.70
N GLY A 34 -4.12 -6.57 -18.16
CA GLY A 34 -3.41 -5.51 -17.45
C GLY A 34 -2.68 -6.03 -16.23
N HIS A 35 -3.32 -6.97 -15.52
CA HIS A 35 -2.66 -7.61 -14.39
C HIS A 35 -1.42 -8.38 -14.84
N GLU A 36 -1.55 -9.14 -15.94
CA GLU A 36 -0.41 -9.87 -16.49
C GLU A 36 0.74 -8.93 -16.87
N GLU A 37 0.42 -7.77 -17.45
CA GLU A 37 1.46 -6.81 -17.79
C GLU A 37 2.22 -6.34 -16.56
N ALA A 38 1.49 -6.08 -15.47
CA ALA A 38 2.15 -5.65 -14.25
C ALA A 38 3.07 -6.74 -13.72
N LYS A 39 2.63 -8.00 -13.82
CA LYS A 39 3.49 -9.11 -13.43
C LYS A 39 4.78 -9.13 -14.25
N ARG A 40 4.68 -8.90 -15.56
CA ARG A 40 5.87 -8.93 -16.41
C ARG A 40 6.84 -7.80 -16.06
N GLY A 41 6.31 -6.60 -15.84
CA GLY A 41 7.16 -5.48 -15.44
C GLY A 41 7.86 -5.74 -14.12
N GLY A 42 7.13 -6.32 -13.16
CA GLY A 42 7.76 -6.64 -11.88
C GLY A 42 8.86 -7.65 -12.03
N GLN A 43 8.65 -8.65 -12.89
CA GLN A 43 9.67 -9.67 -13.14
C GLN A 43 10.90 -9.05 -13.81
N ALA A 44 10.70 -8.08 -14.71
CA ALA A 44 11.84 -7.43 -15.37
C ALA A 44 12.68 -6.67 -14.37
N LEU A 45 12.02 -5.99 -13.42
CA LEU A 45 12.76 -5.29 -12.37
C LEU A 45 13.48 -6.27 -11.47
N ARG A 46 12.84 -7.40 -11.17
CA ARG A 46 13.46 -8.42 -10.34
C ARG A 46 14.72 -8.95 -11.01
N ASP A 47 14.62 -9.28 -12.30
CA ASP A 47 15.74 -9.88 -13.03
C ASP A 47 16.94 -8.95 -13.11
N ALA A 48 16.70 -7.64 -13.14
CA ALA A 48 17.76 -6.65 -13.22
C ALA A 48 18.25 -6.18 -11.85
N GLY A 49 17.66 -6.68 -10.78
CA GLY A 49 18.10 -6.34 -9.43
C GLY A 49 17.73 -4.95 -8.97
N TYR A 50 16.64 -4.41 -9.48
CA TYR A 50 16.28 -3.04 -9.10
C TYR A 50 15.73 -3.00 -7.68
N GLU A 51 16.12 -1.93 -6.97
CA GLU A 51 15.63 -1.66 -5.63
C GLU A 51 15.12 -0.24 -5.56
N PHE A 52 14.11 -0.04 -4.72
CA PHE A 52 13.53 1.26 -4.50
C PHE A 52 13.50 1.55 -3.01
N ASP A 53 13.29 2.83 -2.70
CA ASP A 53 13.15 3.27 -1.33
C ASP A 53 11.78 3.86 -1.05
N ILE A 54 11.06 4.32 -2.08
CA ILE A 54 9.73 4.89 -1.89
C ILE A 54 8.99 4.80 -3.21
N CYS A 55 7.67 4.63 -3.14
CA CYS A 55 6.81 4.49 -4.31
C CYS A 55 5.70 5.52 -4.28
N PHE A 56 5.39 6.05 -5.45
CA PHE A 56 4.26 6.96 -5.59
C PHE A 56 3.28 6.39 -6.59
N THR A 57 1.98 6.55 -6.32
CA THR A 57 0.94 6.09 -7.21
C THR A 57 -0.28 7.02 -7.07
N SER A 58 -1.34 6.71 -7.83
CA SER A 58 -2.55 7.51 -7.81
C SER A 58 -3.53 6.99 -6.76
N VAL A 59 -4.78 7.47 -6.78
CA VAL A 59 -5.84 6.87 -5.93
C VAL A 59 -6.77 6.00 -6.77
N GLN A 60 -6.31 5.55 -7.93
CA GLN A 60 -7.07 4.68 -8.80
C GLN A 60 -6.52 3.27 -8.73
N LYS A 61 -7.43 2.30 -8.51
CA LYS A 61 -7.02 0.93 -8.23
C LYS A 61 -6.22 0.31 -9.38
N ARG A 62 -6.39 0.77 -10.63
CA ARG A 62 -5.61 0.11 -11.68
C ARG A 62 -4.12 0.45 -11.58
N ALA A 63 -3.78 1.65 -11.11
CA ALA A 63 -2.37 1.93 -10.86
C ALA A 63 -1.91 1.32 -9.54
N ILE A 64 -2.74 1.44 -8.50
CA ILE A 64 -2.40 0.85 -7.19
C ILE A 64 -2.15 -0.64 -7.34
N ARG A 65 -3.04 -1.35 -8.05
CA ARG A 65 -2.85 -2.78 -8.21
C ARG A 65 -1.58 -3.10 -9.02
N THR A 66 -1.23 -2.24 -9.99
CA THR A 66 0.03 -2.44 -10.71
C THR A 66 1.22 -2.33 -9.76
N LEU A 67 1.20 -1.30 -8.92
CA LEU A 67 2.26 -1.15 -7.93
C LEU A 67 2.31 -2.35 -6.99
N TRP A 68 1.15 -2.79 -6.47
CA TRP A 68 1.10 -3.96 -5.59
C TRP A 68 1.74 -5.17 -6.27
N THR A 69 1.41 -5.36 -7.55
CA THR A 69 1.95 -6.50 -8.28
C THR A 69 3.47 -6.39 -8.43
N VAL A 70 3.97 -5.19 -8.74
CA VAL A 70 5.41 -4.98 -8.89
C VAL A 70 6.13 -5.20 -7.56
N LEU A 71 5.60 -4.62 -6.48
CA LEU A 71 6.23 -4.77 -5.17
C LEU A 71 6.27 -6.23 -4.74
N ASP A 72 5.18 -6.96 -4.98
CA ASP A 72 5.16 -8.40 -4.73
C ASP A 72 6.29 -9.08 -5.51
N ALA A 73 6.43 -8.75 -6.80
CA ALA A 73 7.41 -9.43 -7.65
C ALA A 73 8.84 -9.17 -7.21
N ILE A 74 9.15 -7.96 -6.75
CA ILE A 74 10.52 -7.62 -6.39
C ILE A 74 10.75 -7.76 -4.88
N ASP A 75 9.80 -8.37 -4.16
CA ASP A 75 9.91 -8.64 -2.72
C ASP A 75 10.17 -7.35 -1.95
N GLN A 76 9.45 -6.29 -2.31
CA GLN A 76 9.58 -5.00 -1.64
C GLN A 76 8.19 -4.48 -1.22
N MET A 77 7.35 -5.39 -0.71
CA MET A 77 5.98 -5.03 -0.32
C MET A 77 5.98 -4.13 0.91
N TRP A 78 7.11 -4.08 1.62
CA TRP A 78 7.29 -3.28 2.82
C TRP A 78 7.59 -1.82 2.52
N LEU A 79 7.81 -1.46 1.26
CA LEU A 79 8.20 -0.10 0.94
C LEU A 79 7.09 0.88 1.28
N PRO A 80 7.45 2.09 1.67
CA PRO A 80 6.44 3.15 1.83
C PRO A 80 5.79 3.46 0.50
N VAL A 81 4.45 3.59 0.53
CA VAL A 81 3.64 3.90 -0.64
C VAL A 81 2.86 5.17 -0.34
N VAL A 82 2.92 6.13 -1.25
CA VAL A 82 2.18 7.39 -1.17
C VAL A 82 1.24 7.46 -2.35
N ARG A 83 -0.06 7.61 -2.06
CA ARG A 83 -1.11 7.74 -3.06
C ARG A 83 -1.54 9.18 -3.20
N THR A 84 -1.73 9.62 -4.45
CA THR A 84 -2.25 10.97 -4.62
C THR A 84 -3.16 11.05 -5.82
N TRP A 85 -4.27 11.79 -5.65
CA TRP A 85 -5.10 12.10 -6.80
C TRP A 85 -4.32 12.85 -7.88
N ARG A 86 -3.22 13.52 -7.54
CA ARG A 86 -2.48 14.29 -8.53
C ARG A 86 -1.78 13.43 -9.57
N LEU A 87 -1.64 12.12 -9.31
CA LEU A 87 -1.10 11.23 -10.32
C LEU A 87 -2.19 10.47 -11.05
N ASN A 88 -3.47 10.82 -10.81
CA ASN A 88 -4.59 10.19 -11.50
C ASN A 88 -4.47 10.34 -13.00
N GLU A 89 -5.12 9.40 -13.70
CA GLU A 89 -5.33 9.53 -15.13
C GLU A 89 -5.99 10.87 -15.44
N ARG A 90 -5.82 11.34 -16.67
CA ARG A 90 -6.57 12.47 -17.17
C ARG A 90 -8.08 12.27 -16.95
N HIS A 91 -8.77 13.33 -16.55
CA HIS A 91 -10.24 13.29 -16.35
C HIS A 91 -10.94 13.54 -17.67
N TYR A 92 -11.68 12.46 -18.21
CA TYR A 92 -12.22 12.53 -19.54
C TYR A 92 -13.62 13.11 -19.49
N GLY A 93 -14.10 13.85 -18.37
CA GLY A 93 -15.32 14.65 -18.37
C GLY A 93 -16.56 13.89 -18.79
N GLY A 94 -17.38 14.51 -19.63
CA GLY A 94 -18.59 13.85 -20.06
C GLY A 94 -18.37 12.62 -20.91
N LEU A 95 -17.16 12.41 -21.44
CA LEU A 95 -16.89 11.21 -22.22
C LEU A 95 -16.76 9.98 -21.35
N THR A 96 -16.60 10.17 -20.04
CA THR A 96 -16.45 9.05 -19.12
C THR A 96 -17.63 8.09 -19.28
N GLY A 97 -17.31 6.81 -19.48
CA GLY A 97 -18.33 5.79 -19.60
C GLY A 97 -18.82 5.54 -21.02
N LEU A 98 -18.56 6.46 -21.94
CA LEU A 98 -18.97 6.25 -23.32
C LEU A 98 -17.94 5.42 -24.06
N ASN A 99 -18.42 4.62 -25.00
CA ASN A 99 -17.52 3.94 -25.91
C ASN A 99 -17.28 4.82 -27.13
N LYS A 100 -16.49 4.32 -28.09
CA LYS A 100 -16.11 5.13 -29.23
C LYS A 100 -17.34 5.49 -30.07
N ALA A 101 -18.22 4.51 -30.29
CA ALA A 101 -19.40 4.76 -31.13
C ALA A 101 -20.35 5.75 -30.47
N GLU A 102 -20.58 5.61 -29.16
CA GLU A 102 -21.44 6.55 -28.46
C GLU A 102 -20.84 7.96 -28.49
N THR A 103 -19.52 8.05 -28.37
CA THR A 103 -18.84 9.34 -28.40
C THR A 103 -18.95 10.00 -29.76
N ALA A 104 -18.71 9.23 -30.82
CA ALA A 104 -18.86 9.78 -32.17
C ALA A 104 -20.31 10.20 -32.43
N ALA A 105 -21.28 9.36 -32.02
CA ALA A 105 -22.68 9.71 -32.27
C ALA A 105 -23.12 10.94 -31.50
N LYS A 106 -22.70 11.06 -30.24
CA LYS A 106 -23.12 12.19 -29.42
C LYS A 106 -22.39 13.47 -29.79
N HIS A 107 -21.09 13.39 -30.09
CA HIS A 107 -20.25 14.58 -30.19
C HIS A 107 -19.69 14.85 -31.57
N GLY A 108 -19.72 13.89 -32.48
CA GLY A 108 -19.35 14.14 -33.86
C GLY A 108 -17.87 14.01 -34.12
N GLU A 109 -17.55 13.77 -35.40
CA GLU A 109 -16.18 13.48 -35.82
C GLU A 109 -15.26 14.67 -35.60
N ALA A 110 -15.75 15.90 -35.86
CA ALA A 110 -14.87 17.06 -35.82
C ALA A 110 -14.40 17.35 -34.41
N GLN A 111 -15.32 17.33 -33.44
CA GLN A 111 -14.94 17.59 -32.05
C GLN A 111 -14.00 16.51 -31.55
N VAL A 112 -14.26 15.25 -31.90
CA VAL A 112 -13.42 14.15 -31.43
C VAL A 112 -12.00 14.32 -31.94
N LYS A 113 -11.84 14.70 -33.21
CA LYS A 113 -10.49 14.91 -33.75
C LYS A 113 -9.77 16.03 -33.03
N ILE A 114 -10.46 17.13 -32.74
CA ILE A 114 -9.85 18.23 -32.00
C ILE A 114 -9.41 17.76 -30.62
N TRP A 115 -10.33 17.11 -29.89
CA TRP A 115 -10.02 16.68 -28.53
C TRP A 115 -8.86 15.70 -28.52
N ARG A 116 -8.80 14.82 -29.53
CA ARG A 116 -7.76 13.79 -29.56
C ARG A 116 -6.39 14.40 -29.83
N ARG A 117 -6.28 15.36 -30.75
CA ARG A 117 -5.00 15.89 -31.19
C ARG A 117 -4.51 17.10 -30.40
N SER A 118 -5.35 17.68 -29.54
CA SER A 118 -5.02 18.95 -28.89
C SER A 118 -4.28 18.75 -27.58
N TYR A 119 -3.31 19.62 -27.32
CA TYR A 119 -2.63 19.64 -26.04
C TYR A 119 -3.46 20.35 -24.97
N ASP A 120 -4.29 21.32 -25.38
CA ASP A 120 -4.89 22.20 -24.38
C ASP A 120 -6.40 22.41 -24.50
N VAL A 121 -7.11 21.65 -25.32
CA VAL A 121 -8.57 21.76 -25.41
C VAL A 121 -9.20 20.58 -24.68
N PRO A 122 -10.03 20.80 -23.66
CA PRO A 122 -10.57 19.69 -22.87
C PRO A 122 -11.81 19.08 -23.48
N PRO A 123 -12.17 17.87 -23.07
CA PRO A 123 -13.47 17.30 -23.43
C PRO A 123 -14.59 17.98 -22.67
N PRO A 124 -15.84 17.68 -22.98
CA PRO A 124 -16.98 18.33 -22.27
C PRO A 124 -16.97 18.01 -20.78
N PRO A 125 -17.55 18.87 -19.95
CA PRO A 125 -17.61 18.57 -18.51
C PRO A 125 -18.55 17.42 -18.19
N MET A 126 -18.24 16.73 -17.09
CA MET A 126 -19.13 15.73 -16.50
C MET A 126 -20.15 16.44 -15.61
N GLU A 127 -21.41 16.51 -16.07
CA GLU A 127 -22.48 17.25 -15.42
C GLU A 127 -23.20 16.39 -14.37
N PRO A 128 -23.96 17.02 -13.47
CA PRO A 128 -24.62 16.23 -12.40
C PRO A 128 -25.63 15.21 -12.87
N ASP A 129 -26.12 15.28 -14.10
CA ASP A 129 -26.99 14.23 -14.60
C ASP A 129 -26.22 13.14 -15.32
N HIS A 130 -24.90 13.24 -15.36
CA HIS A 130 -24.09 12.23 -16.01
C HIS A 130 -24.16 10.93 -15.22
N PRO A 131 -24.21 9.78 -15.88
CA PRO A 131 -24.39 8.51 -15.16
C PRO A 131 -23.28 8.20 -14.17
N PHE A 132 -22.12 8.83 -14.27
CA PHE A 132 -21.01 8.55 -13.37
C PHE A 132 -20.62 9.77 -12.55
N TYR A 133 -21.43 10.82 -12.58
CA TYR A 133 -21.18 11.97 -11.75
C TYR A 133 -21.20 11.60 -10.26
N SER A 134 -22.26 10.94 -9.80
CA SER A 134 -22.33 10.58 -8.39
C SER A 134 -21.17 9.67 -8.04
N ASN A 135 -20.88 8.72 -8.93
CA ASN A 135 -19.86 7.72 -8.67
C ASN A 135 -18.46 8.33 -8.52
N ILE A 136 -18.16 9.40 -9.25
CA ILE A 136 -16.82 10.00 -9.25
C ILE A 136 -16.79 11.28 -8.43
N SER A 137 -17.60 12.26 -8.80
CA SER A 137 -17.53 13.56 -8.17
C SER A 137 -18.02 13.55 -6.73
N LYS A 138 -18.85 12.56 -6.35
CA LYS A 138 -19.31 12.48 -4.96
C LYS A 138 -18.66 11.32 -4.23
N ASP A 139 -17.60 10.77 -4.80
CA ASP A 139 -16.81 9.75 -4.11
C ASP A 139 -16.08 10.43 -2.95
N ARG A 140 -16.16 9.81 -1.77
CA ARG A 140 -15.58 10.43 -0.59
C ARG A 140 -14.05 10.54 -0.66
N ARG A 141 -13.38 9.82 -1.57
CA ARG A 141 -11.93 9.96 -1.65
C ARG A 141 -11.49 11.32 -2.15
N TYR A 142 -12.41 12.09 -2.74
CA TYR A 142 -12.10 13.45 -3.19
C TYR A 142 -12.71 14.51 -2.29
N ALA A 143 -13.20 14.11 -1.12
CA ALA A 143 -13.86 15.05 -0.23
C ALA A 143 -12.94 16.19 0.22
N ASP A 144 -11.62 15.98 0.21
CA ASP A 144 -10.69 17.01 0.66
C ASP A 144 -10.25 17.94 -0.45
N LEU A 145 -10.61 17.67 -1.70
CA LEU A 145 -10.26 18.58 -2.79
C LEU A 145 -11.11 19.85 -2.70
N THR A 146 -10.52 20.98 -3.06
CA THR A 146 -11.33 22.18 -3.20
C THR A 146 -12.24 22.05 -4.42
N GLU A 147 -13.26 22.90 -4.46
CA GLU A 147 -14.14 22.91 -5.62
C GLU A 147 -13.34 23.10 -6.91
N ASP A 148 -12.30 23.93 -6.87
CA ASP A 148 -11.53 24.18 -8.07
C ASP A 148 -10.56 23.05 -8.40
N GLN A 149 -10.13 22.29 -7.40
CA GLN A 149 -9.21 21.19 -7.68
C GLN A 149 -9.91 19.98 -8.26
N LEU A 150 -11.17 19.74 -7.90
CA LEU A 150 -11.91 18.61 -8.44
C LEU A 150 -12.27 18.92 -9.88
N PRO A 151 -11.69 18.23 -10.86
CA PRO A 151 -12.02 18.53 -12.25
C PRO A 151 -13.40 18.01 -12.61
N SER A 152 -14.07 18.74 -13.49
CA SER A 152 -15.16 18.15 -14.23
C SER A 152 -14.71 17.57 -15.56
N CYS A 153 -13.45 17.80 -15.96
CA CYS A 153 -12.83 17.43 -17.24
C CYS A 153 -11.41 18.01 -17.24
N GLU A 154 -10.53 17.43 -18.08
CA GLU A 154 -9.14 17.89 -18.20
C GLU A 154 -8.62 17.82 -19.63
N SER A 155 -7.90 18.87 -20.05
CA SER A 155 -6.96 18.74 -21.15
C SER A 155 -5.68 18.05 -20.68
N LEU A 156 -4.84 17.65 -21.64
CA LEU A 156 -3.53 17.10 -21.24
C LEU A 156 -2.72 18.13 -20.49
N LYS A 157 -2.76 19.38 -20.97
CA LYS A 157 -2.11 20.46 -20.23
C LYS A 157 -2.61 20.53 -18.79
N ASP A 158 -3.93 20.41 -18.59
CA ASP A 158 -4.49 20.44 -17.23
C ASP A 158 -3.92 19.31 -16.39
N THR A 159 -3.92 18.09 -16.94
CA THR A 159 -3.40 16.95 -16.22
C THR A 159 -1.95 17.18 -15.81
N ILE A 160 -1.12 17.61 -16.75
CA ILE A 160 0.28 17.87 -16.46
C ILE A 160 0.41 18.95 -15.40
N ALA A 161 -0.45 19.96 -15.49
CA ALA A 161 -0.38 21.08 -14.56
C ALA A 161 -0.70 20.68 -13.12
N ARG A 162 -1.59 19.69 -12.91
CA ARG A 162 -1.83 19.29 -11.52
C ARG A 162 -0.95 18.13 -11.07
N ALA A 163 -0.24 17.46 -12.01
CA ALA A 163 0.73 16.44 -11.63
C ALA A 163 2.06 17.05 -11.21
N LEU A 164 2.54 18.05 -11.94
CA LEU A 164 3.89 18.55 -11.67
C LEU A 164 4.05 19.18 -10.30
N PRO A 165 3.05 19.82 -9.67
CA PRO A 165 3.24 20.27 -8.28
C PRO A 165 3.56 19.11 -7.35
N PHE A 166 2.96 17.94 -7.58
CA PHE A 166 3.31 16.80 -6.74
C PHE A 166 4.73 16.32 -7.01
N TRP A 167 5.13 16.26 -8.28
CA TRP A 167 6.52 15.95 -8.62
C TRP A 167 7.48 16.91 -7.94
N ASN A 168 7.21 18.21 -8.03
CA ASN A 168 8.17 19.19 -7.51
C ASN A 168 8.21 19.18 -6.00
N GLU A 169 7.05 19.06 -5.35
CA GLU A 169 6.94 19.23 -3.91
C GLU A 169 7.20 17.94 -3.15
N GLU A 170 6.90 16.79 -3.75
CA GLU A 170 6.91 15.53 -3.03
C GLU A 170 7.94 14.55 -3.57
N ILE A 171 8.15 14.49 -4.88
CA ILE A 171 9.04 13.48 -5.45
C ILE A 171 10.48 13.99 -5.59
N VAL A 172 10.65 15.20 -6.17
CA VAL A 172 12.00 15.75 -6.34
C VAL A 172 12.80 15.75 -5.04
N PRO A 173 12.26 16.19 -3.90
CA PRO A 173 13.06 16.14 -2.66
C PRO A 173 13.52 14.74 -2.30
N GLN A 174 12.70 13.71 -2.57
CA GLN A 174 13.16 12.35 -2.35
C GLN A 174 14.33 11.99 -3.26
N ILE A 175 14.25 12.38 -4.54
CA ILE A 175 15.34 12.07 -5.45
C ILE A 175 16.63 12.76 -5.01
N LYS A 176 16.53 14.01 -4.56
CA LYS A 176 17.73 14.75 -4.16
C LYS A 176 18.35 14.21 -2.88
N GLU A 177 17.55 13.57 -2.01
CA GLU A 177 18.10 12.86 -0.86
C GLU A 177 18.73 11.53 -1.24
N GLY A 178 18.77 11.19 -2.52
CA GLY A 178 19.31 9.92 -2.95
C GLY A 178 18.38 8.73 -2.83
N LYS A 179 17.09 8.97 -2.55
CA LYS A 179 16.13 7.87 -2.51
C LYS A 179 15.82 7.41 -3.91
N ARG A 180 15.75 6.10 -4.09
CA ARG A 180 15.45 5.48 -5.37
C ARG A 180 13.94 5.38 -5.51
N VAL A 181 13.39 6.14 -6.43
CA VAL A 181 11.94 6.35 -6.52
C VAL A 181 11.39 5.44 -7.61
N LEU A 182 10.24 4.83 -7.33
CA LEU A 182 9.41 4.15 -8.32
C LEU A 182 8.09 4.88 -8.40
N ILE A 183 7.67 5.27 -9.60
CA ILE A 183 6.38 5.92 -9.82
C ILE A 183 5.52 5.00 -10.67
N ALA A 184 4.40 4.53 -10.09
CA ALA A 184 3.44 3.67 -10.80
C ALA A 184 2.20 4.50 -11.05
N ALA A 185 1.98 4.88 -12.30
CA ALA A 185 0.86 5.78 -12.52
C ALA A 185 0.25 5.55 -13.89
N HIS A 186 -0.25 6.61 -14.48
CA HIS A 186 -1.04 6.54 -15.69
C HIS A 186 -0.28 7.24 -16.81
N GLY A 187 -0.64 6.87 -18.05
CA GLY A 187 0.09 7.41 -19.20
C GLY A 187 0.17 8.93 -19.20
N ASN A 188 -0.95 9.60 -18.94
CA ASN A 188 -0.95 11.05 -19.07
C ASN A 188 -0.31 11.75 -17.88
N SER A 189 -0.39 11.16 -16.68
CA SER A 189 0.33 11.79 -15.58
C SER A 189 1.83 11.56 -15.73
N LEU A 190 2.24 10.38 -16.20
CA LEU A 190 3.66 10.15 -16.46
C LEU A 190 4.18 11.03 -17.60
N ARG A 191 3.34 11.33 -18.60
CA ARG A 191 3.75 12.26 -19.65
C ARG A 191 4.20 13.58 -19.06
N GLY A 192 3.53 14.04 -18.00
CA GLY A 192 3.93 15.30 -17.40
C GLY A 192 5.33 15.24 -16.83
N ILE A 193 5.68 14.12 -16.20
CA ILE A 193 7.02 14.00 -15.63
C ILE A 193 8.07 13.90 -16.72
N VAL A 194 7.79 13.12 -17.78
CA VAL A 194 8.75 12.99 -18.87
C VAL A 194 8.95 14.33 -19.56
N LYS A 195 7.85 15.05 -19.80
CA LYS A 195 7.97 16.34 -20.46
C LYS A 195 8.88 17.27 -19.67
N HIS A 196 8.74 17.26 -18.36
CA HIS A 196 9.55 18.12 -17.49
C HIS A 196 11.01 17.68 -17.48
N LEU A 197 11.26 16.37 -17.38
CA LEU A 197 12.63 15.89 -17.29
C LEU A 197 13.42 16.21 -18.55
N GLU A 198 12.83 15.99 -19.72
CA GLU A 198 13.54 16.06 -20.98
C GLU A 198 13.37 17.40 -21.68
N GLY A 199 12.55 18.29 -21.13
CA GLY A 199 12.25 19.53 -21.83
C GLY A 199 11.60 19.30 -23.18
N LEU A 200 10.66 18.35 -23.23
CA LEU A 200 10.03 17.99 -24.49
C LEU A 200 8.98 19.01 -24.89
N SER A 201 8.83 19.17 -26.20
CA SER A 201 7.80 20.04 -26.73
C SER A 201 6.42 19.41 -26.53
N GLU A 202 5.38 20.25 -26.64
CA GLU A 202 4.01 19.75 -26.63
C GLU A 202 3.79 18.73 -27.73
N GLU A 203 4.32 19.02 -28.92
CA GLU A 203 4.19 18.11 -30.04
C GLU A 203 4.84 16.78 -29.72
N ALA A 204 6.04 16.82 -29.13
CA ALA A 204 6.75 15.59 -28.84
C ALA A 204 6.04 14.78 -27.76
N ILE A 205 5.48 15.44 -26.74
CA ILE A 205 4.89 14.67 -25.65
C ILE A 205 3.58 14.03 -26.08
N MET A 206 2.88 14.64 -27.01
CA MET A 206 1.62 14.09 -27.51
C MET A 206 1.89 12.88 -28.41
N GLU A 207 3.10 12.81 -28.99
CA GLU A 207 3.53 11.67 -29.78
C GLU A 207 4.21 10.60 -28.93
N LEU A 208 4.48 10.87 -27.66
CA LEU A 208 5.13 9.91 -26.79
C LEU A 208 4.07 8.95 -26.24
N ASN A 209 4.16 7.70 -26.63
CA ASN A 209 3.28 6.66 -26.11
C ASN A 209 4.16 5.76 -25.25
N LEU A 210 4.11 5.99 -23.95
CA LEU A 210 4.90 5.19 -23.04
C LEU A 210 4.38 3.75 -23.04
N PRO A 211 5.27 2.76 -23.12
CA PRO A 211 4.80 1.37 -23.10
C PRO A 211 4.15 1.05 -21.76
N THR A 212 3.20 0.11 -21.78
CA THR A 212 2.54 -0.28 -20.55
C THR A 212 3.26 -1.47 -19.92
N GLY A 213 3.27 -1.49 -18.60
CA GLY A 213 3.88 -2.59 -17.88
C GLY A 213 5.38 -2.75 -18.09
N ILE A 214 6.03 -1.78 -18.70
CA ILE A 214 7.46 -1.86 -18.99
C ILE A 214 8.17 -0.82 -18.12
N PRO A 215 9.13 -1.21 -17.28
CA PRO A 215 9.85 -0.22 -16.49
C PRO A 215 10.60 0.75 -17.39
N ILE A 216 10.43 2.05 -17.13
CA ILE A 216 11.08 3.12 -17.86
C ILE A 216 12.17 3.69 -16.97
N VAL A 217 13.44 3.60 -17.41
CA VAL A 217 14.59 3.90 -16.56
C VAL A 217 15.28 5.19 -17.00
N TYR A 218 15.45 6.11 -16.06
CA TYR A 218 16.17 7.36 -16.25
C TYR A 218 17.44 7.38 -15.42
N GLU A 219 18.52 7.92 -15.99
CA GLU A 219 19.73 8.25 -15.26
C GLU A 219 19.89 9.77 -15.26
N LEU A 220 19.92 10.37 -14.08
CA LEU A 220 19.83 11.81 -13.93
C LEU A 220 21.11 12.36 -13.32
N ASP A 221 21.52 13.55 -13.76
CA ASP A 221 22.69 14.18 -13.15
C ASP A 221 22.24 14.97 -11.91
N LYS A 222 23.18 15.71 -11.32
CA LYS A 222 22.90 16.42 -10.07
C LYS A 222 21.79 17.44 -10.21
N ASN A 223 21.56 17.93 -11.42
CA ASN A 223 20.46 18.85 -11.68
C ASN A 223 19.19 18.12 -12.12
N LEU A 224 19.16 16.80 -11.95
CA LEU A 224 18.01 15.97 -12.35
C LEU A 224 17.79 16.04 -13.86
N LYS A 225 18.87 16.30 -14.63
CA LYS A 225 18.82 16.28 -16.08
C LYS A 225 19.21 14.89 -16.58
N PRO A 226 18.42 14.27 -17.46
CA PRO A 226 18.81 12.96 -18.00
C PRO A 226 20.14 13.05 -18.74
N ILE A 227 21.02 12.07 -18.47
CA ILE A 227 22.32 12.02 -19.16
C ILE A 227 22.25 11.23 -20.45
N LYS A 228 21.13 10.59 -20.74
CA LYS A 228 20.96 9.74 -21.90
C LYS A 228 19.46 9.53 -22.11
N PRO A 229 19.05 9.04 -23.28
CA PRO A 229 17.63 8.75 -23.49
C PRO A 229 17.12 7.72 -22.50
N MET A 230 15.82 7.82 -22.21
CA MET A 230 15.07 6.83 -21.46
C MET A 230 15.33 5.43 -21.98
N GLN A 231 15.50 4.48 -21.07
CA GLN A 231 15.66 3.09 -21.47
C GLN A 231 14.53 2.23 -20.92
N PHE A 232 14.18 1.21 -21.68
CA PHE A 232 13.08 0.31 -21.33
C PHE A 232 13.69 -1.00 -20.85
N LEU A 233 13.27 -1.47 -19.68
CA LEU A 233 13.72 -2.78 -19.22
C LEU A 233 12.88 -3.88 -19.85
N ALA B 3 -19.56 7.58 19.38
CA ALA B 3 -18.40 6.80 19.80
C ALA B 3 -17.53 6.47 18.61
N TYR B 4 -16.22 6.70 18.72
CA TYR B 4 -15.28 6.32 17.68
C TYR B 4 -15.34 4.82 17.47
N LYS B 5 -15.17 4.38 16.23
CA LYS B 5 -15.08 2.97 15.88
C LYS B 5 -13.67 2.65 15.40
N LEU B 6 -13.04 1.66 16.03
CA LEU B 6 -11.71 1.19 15.66
C LEU B 6 -11.84 -0.29 15.31
N VAL B 7 -11.17 -0.72 14.23
CA VAL B 7 -11.24 -2.11 13.82
C VAL B 7 -9.82 -2.66 13.71
N LEU B 8 -9.63 -3.83 14.30
CA LEU B 8 -8.39 -4.57 14.23
C LEU B 8 -8.64 -5.86 13.47
N ILE B 9 -7.61 -6.35 12.78
CA ILE B 9 -7.70 -7.68 12.22
C ILE B 9 -6.32 -8.33 12.29
N ARG B 10 -6.30 -9.58 12.72
CA ARG B 10 -5.08 -10.35 12.84
C ARG B 10 -4.97 -11.26 11.62
N HIS B 11 -3.79 -11.30 11.00
CA HIS B 11 -3.60 -12.16 9.85
C HIS B 11 -3.74 -13.63 10.22
N GLY B 12 -4.00 -14.43 9.20
CA GLY B 12 -4.16 -15.84 9.34
C GLY B 12 -2.89 -16.61 9.05
N GLU B 13 -3.08 -17.87 8.67
CA GLU B 13 -2.00 -18.84 8.56
C GLU B 13 -0.92 -18.42 7.56
N SER B 14 0.33 -18.65 7.92
CA SER B 14 1.50 -18.34 7.10
C SER B 14 2.14 -19.61 6.55
N ALA B 15 3.07 -19.41 5.61
CA ALA B 15 3.83 -20.53 5.04
C ALA B 15 4.64 -21.24 6.10
N TRP B 16 5.17 -20.51 7.07
CA TRP B 16 5.95 -21.18 8.08
C TRP B 16 5.09 -21.84 9.15
N ASN B 17 3.81 -21.43 9.31
CA ASN B 17 2.87 -22.20 10.13
C ASN B 17 2.73 -23.63 9.60
N LEU B 18 2.68 -23.77 8.28
CA LEU B 18 2.54 -25.09 7.67
C LEU B 18 3.79 -25.92 7.85
N GLU B 19 4.96 -25.26 7.97
CA GLU B 19 6.21 -25.92 8.29
C GLU B 19 6.44 -26.05 9.80
N ASN B 20 5.48 -25.59 10.63
CA ASN B 20 5.59 -25.57 12.08
C ASN B 20 6.93 -24.98 12.56
N ARG B 21 7.30 -23.84 11.96
CA ARG B 21 8.53 -23.12 12.28
C ARG B 21 8.20 -21.78 12.89
N PHE B 22 9.00 -21.36 13.88
CA PHE B 22 8.81 -20.04 14.48
C PHE B 22 9.19 -18.95 13.48
N SER B 23 8.25 -18.05 13.18
CA SER B 23 8.50 -17.04 12.16
C SER B 23 9.08 -15.77 12.77
N GLY B 24 8.37 -15.16 13.72
CA GLY B 24 8.86 -13.91 14.27
C GLY B 24 9.03 -12.89 13.17
N TRP B 25 10.25 -12.34 13.06
CA TRP B 25 10.53 -11.32 12.06
C TRP B 25 10.86 -11.88 10.69
N TYR B 26 11.00 -13.19 10.57
CA TYR B 26 11.14 -13.76 9.25
C TYR B 26 9.89 -13.44 8.43
N ASP B 27 10.09 -13.01 7.20
CA ASP B 27 9.02 -12.41 6.43
C ASP B 27 8.21 -13.45 5.63
N ALA B 28 7.66 -14.42 6.36
CA ALA B 28 6.91 -15.49 5.72
C ALA B 28 5.60 -14.98 5.12
N ASP B 29 5.27 -15.47 3.93
CA ASP B 29 4.01 -15.08 3.30
C ASP B 29 2.83 -15.83 3.92
N LEU B 30 1.62 -15.34 3.63
CA LEU B 30 0.42 -16.12 3.95
C LEU B 30 0.43 -17.44 3.20
N SER B 31 -0.14 -18.46 3.84
CA SER B 31 -0.54 -19.67 3.13
C SER B 31 -1.79 -19.36 2.30
N PRO B 32 -2.13 -20.23 1.36
CA PRO B 32 -3.42 -20.07 0.67
C PRO B 32 -4.60 -20.00 1.63
N ALA B 33 -4.61 -20.81 2.68
CA ALA B 33 -5.72 -20.77 3.63
C ALA B 33 -5.74 -19.45 4.39
N GLY B 34 -4.56 -18.93 4.74
CA GLY B 34 -4.50 -17.64 5.42
C GLY B 34 -4.95 -16.51 4.53
N HIS B 35 -4.67 -16.61 3.23
CA HIS B 35 -5.18 -15.64 2.27
C HIS B 35 -6.70 -15.71 2.17
N GLU B 36 -7.27 -16.93 2.16
CA GLU B 36 -8.72 -17.03 2.11
C GLU B 36 -9.38 -16.51 3.38
N GLU B 37 -8.76 -16.73 4.54
CA GLU B 37 -9.24 -16.15 5.78
C GLU B 37 -9.38 -14.64 5.64
N ALA B 38 -8.34 -13.99 5.08
CA ALA B 38 -8.41 -12.54 4.91
C ALA B 38 -9.55 -12.15 3.99
N LYS B 39 -9.82 -12.96 2.97
CA LYS B 39 -10.95 -12.67 2.09
C LYS B 39 -12.27 -12.73 2.86
N ARG B 40 -12.44 -13.73 3.73
CA ARG B 40 -13.69 -13.83 4.48
C ARG B 40 -13.84 -12.68 5.48
N GLY B 41 -12.73 -12.28 6.11
CA GLY B 41 -12.78 -11.12 6.97
C GLY B 41 -13.16 -9.87 6.21
N GLY B 42 -12.58 -9.71 5.01
CA GLY B 42 -12.94 -8.59 4.16
C GLY B 42 -14.41 -8.59 3.80
N GLN B 43 -14.95 -9.76 3.47
CA GLN B 43 -16.37 -9.84 3.12
C GLN B 43 -17.27 -9.55 4.33
N ALA B 44 -16.87 -9.96 5.54
CA ALA B 44 -17.66 -9.62 6.71
C ALA B 44 -17.73 -8.12 6.92
N LEU B 45 -16.61 -7.42 6.70
CA LEU B 45 -16.61 -5.97 6.80
C LEU B 45 -17.44 -5.35 5.69
N ARG B 46 -17.36 -5.92 4.48
CA ARG B 46 -18.19 -5.44 3.38
C ARG B 46 -19.67 -5.57 3.70
N ASP B 47 -20.09 -6.74 4.17
CA ASP B 47 -21.51 -7.00 4.44
C ASP B 47 -22.06 -6.11 5.55
N ALA B 48 -21.22 -5.76 6.52
CA ALA B 48 -21.60 -4.87 7.61
C ALA B 48 -21.51 -3.40 7.22
N GLY B 49 -20.96 -3.10 6.03
CA GLY B 49 -20.91 -1.74 5.53
C GLY B 49 -19.82 -0.88 6.12
N TYR B 50 -18.71 -1.48 6.56
CA TYR B 50 -17.67 -0.69 7.23
C TYR B 50 -16.89 0.18 6.25
N GLU B 51 -16.62 1.41 6.68
CA GLU B 51 -15.80 2.35 5.91
C GLU B 51 -14.66 2.83 6.79
N PHE B 52 -13.45 2.91 6.21
CA PHE B 52 -12.25 3.37 6.89
C PHE B 52 -11.66 4.58 6.19
N ASP B 53 -10.74 5.27 6.89
CA ASP B 53 -10.06 6.44 6.36
C ASP B 53 -8.54 6.30 6.30
N ILE B 54 -7.95 5.41 7.08
CA ILE B 54 -6.50 5.21 7.05
C ILE B 54 -6.24 3.83 7.62
N CYS B 55 -5.16 3.21 7.14
CA CYS B 55 -4.81 1.86 7.53
C CYS B 55 -3.38 1.80 8.02
N PHE B 56 -3.16 0.98 9.03
CA PHE B 56 -1.82 0.73 9.55
C PHE B 56 -1.50 -0.75 9.50
N THR B 57 -0.25 -1.08 9.19
CA THR B 57 0.19 -2.46 9.16
C THR B 57 1.68 -2.52 9.47
N SER B 58 2.23 -3.72 9.48
CA SER B 58 3.64 -3.91 9.78
C SER B 58 4.50 -3.84 8.50
N VAL B 59 5.79 -4.18 8.60
CA VAL B 59 6.61 -4.33 7.38
C VAL B 59 6.72 -5.80 6.98
N GLN B 60 5.82 -6.64 7.47
CA GLN B 60 5.81 -8.06 7.17
C GLN B 60 4.67 -8.38 6.22
N LYS B 61 5.02 -9.07 5.13
CA LYS B 61 4.09 -9.31 4.05
C LYS B 61 2.85 -10.08 4.48
N ARG B 62 2.92 -10.91 5.54
CA ARG B 62 1.69 -11.65 5.89
C ARG B 62 0.63 -10.72 6.44
N ALA B 63 1.03 -9.63 7.09
CA ALA B 63 0.06 -8.62 7.51
C ALA B 63 -0.28 -7.68 6.36
N ILE B 64 0.73 -7.27 5.60
CA ILE B 64 0.49 -6.35 4.47
C ILE B 64 -0.49 -7.00 3.50
N ARG B 65 -0.25 -8.28 3.18
CA ARG B 65 -1.17 -8.96 2.25
C ARG B 65 -2.57 -9.07 2.82
N THR B 66 -2.71 -9.31 4.13
CA THR B 66 -4.05 -9.35 4.72
C THR B 66 -4.77 -8.02 4.52
N LEU B 67 -4.06 -6.93 4.80
CA LEU B 67 -4.63 -5.60 4.57
C LEU B 67 -5.01 -5.42 3.12
N TRP B 68 -4.10 -5.76 2.20
CA TRP B 68 -4.39 -5.62 0.78
C TRP B 68 -5.67 -6.37 0.42
N THR B 69 -5.83 -7.58 0.94
CA THR B 69 -7.00 -8.37 0.64
C THR B 69 -8.27 -7.75 1.20
N VAL B 70 -8.22 -7.22 2.44
CA VAL B 70 -9.38 -6.59 3.02
C VAL B 70 -9.76 -5.34 2.24
N LEU B 71 -8.75 -4.51 1.90
CA LEU B 71 -9.03 -3.30 1.13
C LEU B 71 -9.65 -3.62 -0.21
N ASP B 72 -9.16 -4.67 -0.88
CA ASP B 72 -9.78 -5.14 -2.12
C ASP B 72 -11.25 -5.51 -1.88
N ALA B 73 -11.53 -6.28 -0.83
CA ALA B 73 -12.89 -6.77 -0.59
C ALA B 73 -13.88 -5.66 -0.29
N ILE B 74 -13.44 -4.60 0.39
CA ILE B 74 -14.34 -3.53 0.78
C ILE B 74 -14.26 -2.35 -0.19
N ASP B 75 -13.51 -2.52 -1.28
CA ASP B 75 -13.39 -1.48 -2.32
C ASP B 75 -12.82 -0.18 -1.76
N GLN B 76 -11.75 -0.31 -0.96
CA GLN B 76 -11.10 0.86 -0.39
C GLN B 76 -9.57 0.79 -0.58
N MET B 77 -9.12 0.35 -1.78
CA MET B 77 -7.68 0.29 -2.10
C MET B 77 -7.00 1.65 -2.16
N TRP B 78 -7.77 2.72 -2.30
CA TRP B 78 -7.26 4.07 -2.37
C TRP B 78 -6.88 4.65 -1.02
N LEU B 79 -7.16 3.95 0.09
CA LEU B 79 -6.89 4.51 1.40
C LEU B 79 -5.39 4.65 1.63
N PRO B 80 -4.98 5.68 2.36
CA PRO B 80 -3.57 5.76 2.76
C PRO B 80 -3.23 4.59 3.65
N VAL B 81 -2.02 4.06 3.43
CA VAL B 81 -1.51 2.93 4.17
C VAL B 81 -0.17 3.32 4.74
N VAL B 82 0.04 3.04 6.03
CA VAL B 82 1.30 3.32 6.70
C VAL B 82 1.83 2.01 7.23
N ARG B 83 3.10 1.71 6.92
CA ARG B 83 3.78 0.50 7.36
C ARG B 83 4.80 0.83 8.42
N THR B 84 4.92 -0.04 9.41
CA THR B 84 5.94 0.21 10.42
C THR B 84 6.45 -1.09 11.01
N TRP B 85 7.77 -1.13 11.22
CA TRP B 85 8.33 -2.26 11.94
C TRP B 85 7.73 -2.40 13.35
N ARG B 86 7.18 -1.31 13.92
CA ARG B 86 6.69 -1.38 15.28
C ARG B 86 5.42 -2.20 15.44
N LEU B 87 4.77 -2.58 14.34
CA LEU B 87 3.62 -3.47 14.40
C LEU B 87 3.99 -4.89 14.00
N ASN B 88 5.28 -5.16 13.82
CA ASN B 88 5.77 -6.51 13.52
C ASN B 88 5.37 -7.49 14.62
N GLU B 89 5.29 -8.76 14.23
CA GLU B 89 5.26 -9.87 15.18
C GLU B 89 6.41 -9.75 16.18
N ARG B 90 6.29 -10.40 17.33
CA ARG B 90 7.44 -10.55 18.23
C ARG B 90 8.65 -11.10 17.47
N HIS B 91 9.83 -10.60 17.81
CA HIS B 91 11.08 -11.15 17.27
C HIS B 91 11.45 -12.38 18.07
N TYR B 92 11.37 -13.68 17.49
CA TYR B 92 11.54 -14.89 18.22
C TYR B 92 13.02 -15.19 18.30
N GLY B 93 14.01 -14.26 17.90
CA GLY B 93 15.42 -14.41 18.24
C GLY B 93 16.00 -15.67 17.63
N GLY B 94 16.83 -16.36 18.41
CA GLY B 94 17.45 -17.59 17.91
C GLY B 94 16.47 -18.69 17.59
N LEU B 95 15.22 -18.61 18.09
CA LEU B 95 14.22 -19.60 17.77
C LEU B 95 13.73 -19.47 16.33
N THR B 96 13.97 -18.32 15.71
CA THR B 96 13.54 -18.09 14.34
C THR B 96 13.99 -19.23 13.42
N GLY B 97 13.03 -19.82 12.71
CA GLY B 97 13.30 -20.88 11.78
C GLY B 97 13.28 -22.27 12.38
N LEU B 98 13.33 -22.40 13.70
CA LEU B 98 13.30 -23.73 14.31
C LEU B 98 11.86 -24.23 14.44
N ASN B 99 11.72 -25.56 14.50
CA ASN B 99 10.45 -26.16 14.85
C ASN B 99 10.43 -26.50 16.35
N LYS B 100 9.33 -27.12 16.81
CA LYS B 100 9.17 -27.36 18.24
C LYS B 100 10.19 -28.39 18.75
N ALA B 101 10.44 -29.44 17.96
CA ALA B 101 11.38 -30.46 18.39
C ALA B 101 12.80 -29.94 18.44
N GLU B 102 13.22 -29.16 17.43
CA GLU B 102 14.56 -28.58 17.43
C GLU B 102 14.72 -27.61 18.58
N THR B 103 13.67 -26.85 18.87
CA THR B 103 13.70 -25.89 19.97
C THR B 103 13.85 -26.60 21.30
N ALA B 104 13.09 -27.68 21.50
CA ALA B 104 13.15 -28.42 22.75
C ALA B 104 14.51 -29.08 22.92
N ALA B 105 15.07 -29.62 21.83
CA ALA B 105 16.37 -30.28 21.91
C ALA B 105 17.49 -29.29 22.23
N LYS B 106 17.49 -28.13 21.58
CA LYS B 106 18.56 -27.18 21.77
C LYS B 106 18.45 -26.45 23.10
N HIS B 107 17.22 -26.14 23.54
CA HIS B 107 17.03 -25.25 24.67
C HIS B 107 16.36 -25.88 25.89
N GLY B 108 15.73 -27.05 25.76
CA GLY B 108 15.21 -27.78 26.89
C GLY B 108 13.78 -27.38 27.25
N GLU B 109 13.08 -28.31 27.91
CA GLU B 109 11.66 -28.08 28.22
C GLU B 109 11.46 -26.99 29.26
N ALA B 110 12.39 -26.83 30.20
CA ALA B 110 12.21 -25.83 31.24
C ALA B 110 12.22 -24.42 30.66
N GLN B 111 13.21 -24.13 29.82
CA GLN B 111 13.29 -22.80 29.20
C GLN B 111 12.12 -22.58 28.25
N VAL B 112 11.76 -23.59 27.47
CA VAL B 112 10.62 -23.46 26.56
C VAL B 112 9.36 -23.12 27.33
N LYS B 113 9.10 -23.82 28.44
CA LYS B 113 7.90 -23.51 29.22
C LYS B 113 7.93 -22.07 29.70
N ILE B 114 9.09 -21.61 30.17
CA ILE B 114 9.22 -20.24 30.65
C ILE B 114 8.92 -19.26 29.52
N TRP B 115 9.63 -19.42 28.39
CA TRP B 115 9.47 -18.49 27.28
C TRP B 115 8.03 -18.45 26.79
N ARG B 116 7.34 -19.57 26.85
CA ARG B 116 5.98 -19.63 26.31
C ARG B 116 4.96 -18.96 27.24
N ARG B 117 5.07 -19.16 28.55
CA ARG B 117 4.07 -18.60 29.46
C ARG B 117 4.48 -17.26 30.07
N SER B 118 5.67 -16.77 29.80
CA SER B 118 6.17 -15.58 30.48
C SER B 118 5.80 -14.32 29.72
N TYR B 119 5.49 -13.26 30.48
CA TYR B 119 5.24 -11.97 29.88
C TYR B 119 6.54 -11.24 29.52
N ASP B 120 7.62 -11.45 30.28
CA ASP B 120 8.80 -10.59 30.19
C ASP B 120 10.14 -11.30 30.00
N VAL B 121 10.17 -12.61 29.81
CA VAL B 121 11.43 -13.32 29.58
C VAL B 121 11.59 -13.54 28.07
N PRO B 122 12.60 -12.96 27.42
CA PRO B 122 12.72 -13.07 25.96
C PRO B 122 13.27 -14.42 25.55
N PRO B 123 13.05 -14.82 24.30
CA PRO B 123 13.76 -15.97 23.74
C PRO B 123 15.23 -15.64 23.52
N PRO B 124 16.07 -16.63 23.18
CA PRO B 124 17.50 -16.36 23.04
C PRO B 124 17.77 -15.41 21.88
N PRO B 125 18.87 -14.67 21.92
CA PRO B 125 19.18 -13.74 20.84
C PRO B 125 19.54 -14.44 19.53
N MET B 126 19.23 -13.76 18.42
CA MET B 126 19.66 -14.24 17.12
C MET B 126 21.07 -13.72 16.87
N GLU B 127 22.06 -14.63 16.90
CA GLU B 127 23.48 -14.32 16.89
C GLU B 127 23.99 -14.20 15.46
N PRO B 128 25.16 -13.60 15.22
CA PRO B 128 25.62 -13.38 13.84
C PRO B 128 25.89 -14.64 13.03
N ASP B 129 25.97 -15.82 13.66
CA ASP B 129 26.08 -17.07 12.93
C ASP B 129 24.75 -17.78 12.73
N HIS B 130 23.63 -17.17 13.16
CA HIS B 130 22.32 -17.74 12.92
C HIS B 130 22.01 -17.76 11.42
N PRO B 131 21.37 -18.81 10.91
CA PRO B 131 21.14 -18.89 9.45
C PRO B 131 20.37 -17.71 8.89
N PHE B 132 19.52 -17.08 9.69
CA PHE B 132 18.69 -15.97 9.23
C PHE B 132 19.17 -14.63 9.76
N TYR B 133 20.37 -14.59 10.35
CA TYR B 133 20.91 -13.34 10.87
C TYR B 133 21.01 -12.27 9.77
N SER B 134 21.68 -12.60 8.66
CA SER B 134 21.82 -11.61 7.59
C SER B 134 20.46 -11.29 6.97
N ASN B 135 19.59 -12.30 6.86
CA ASN B 135 18.29 -12.13 6.24
C ASN B 135 17.41 -11.16 7.00
N ILE B 136 17.53 -11.10 8.32
CA ILE B 136 16.67 -10.25 9.14
C ILE B 136 17.45 -9.04 9.62
N SER B 137 18.58 -9.27 10.30
CA SER B 137 19.26 -8.15 10.94
C SER B 137 19.94 -7.23 9.92
N LYS B 138 20.32 -7.74 8.75
CA LYS B 138 20.91 -6.89 7.73
C LYS B 138 19.95 -6.59 6.59
N ASP B 139 18.66 -6.80 6.81
CA ASP B 139 17.66 -6.34 5.84
C ASP B 139 17.61 -4.82 5.87
N ARG B 140 17.76 -4.20 4.69
CA ARG B 140 17.79 -2.74 4.63
C ARG B 140 16.49 -2.08 5.08
N ARG B 141 15.38 -2.84 5.20
CA ARG B 141 14.15 -2.23 5.70
C ARG B 141 14.28 -1.80 7.15
N TYR B 142 15.30 -2.28 7.86
CA TYR B 142 15.56 -1.85 9.22
C TYR B 142 16.79 -0.94 9.30
N ALA B 143 17.28 -0.44 8.17
CA ALA B 143 18.55 0.28 8.16
C ALA B 143 18.49 1.56 8.98
N ASP B 144 17.31 2.11 9.21
CA ASP B 144 17.16 3.35 9.96
C ASP B 144 16.96 3.12 11.45
N LEU B 145 16.86 1.88 11.89
CA LEU B 145 16.82 1.62 13.32
C LEU B 145 18.22 1.79 13.89
N THR B 146 18.29 2.39 15.09
CA THR B 146 19.59 2.49 15.72
C THR B 146 20.05 1.12 16.21
N GLU B 147 21.33 1.05 16.55
CA GLU B 147 21.89 -0.14 17.21
C GLU B 147 21.02 -0.59 18.38
N ASP B 148 20.53 0.38 19.15
CA ASP B 148 19.78 0.09 20.36
C ASP B 148 18.38 -0.43 20.05
N GLN B 149 17.82 -0.02 18.91
CA GLN B 149 16.45 -0.36 18.58
C GLN B 149 16.30 -1.70 17.87
N LEU B 150 17.30 -2.10 17.09
CA LEU B 150 17.22 -3.32 16.32
C LEU B 150 17.23 -4.52 17.27
N PRO B 151 16.13 -5.23 17.47
CA PRO B 151 16.14 -6.32 18.44
C PRO B 151 16.91 -7.51 17.89
N SER B 152 17.54 -8.25 18.79
CA SER B 152 17.97 -9.59 18.48
C SER B 152 16.99 -10.63 19.00
N CYS B 153 15.95 -10.22 19.71
CA CYS B 153 14.91 -11.04 20.34
C CYS B 153 13.96 -10.11 21.10
N GLU B 154 12.75 -10.60 21.38
CA GLU B 154 11.74 -9.83 22.12
C GLU B 154 10.88 -10.71 23.02
N SER B 155 10.70 -10.29 24.27
CA SER B 155 9.59 -10.78 25.07
C SER B 155 8.29 -10.13 24.61
N LEU B 156 7.14 -10.63 25.10
CA LEU B 156 5.87 -9.94 24.81
C LEU B 156 5.90 -8.51 25.34
N LYS B 157 6.47 -8.34 26.53
CA LYS B 157 6.63 -7.00 27.07
C LYS B 157 7.43 -6.11 26.12
N ASP B 158 8.54 -6.64 25.56
CA ASP B 158 9.33 -5.88 24.60
C ASP B 158 8.49 -5.47 23.40
N THR B 159 7.74 -6.43 22.85
CA THR B 159 6.95 -6.16 21.66
C THR B 159 5.92 -5.08 21.94
N ILE B 160 5.19 -5.21 23.05
CA ILE B 160 4.21 -4.20 23.41
C ILE B 160 4.89 -2.85 23.62
N ALA B 161 6.10 -2.87 24.20
CA ALA B 161 6.83 -1.63 24.47
C ALA B 161 7.27 -0.90 23.22
N ARG B 162 7.50 -1.59 22.10
CA ARG B 162 7.83 -0.84 20.89
C ARG B 162 6.64 -0.66 19.96
N ALA B 163 5.53 -1.37 20.20
CA ALA B 163 4.31 -1.15 19.45
C ALA B 163 3.53 0.05 19.98
N LEU B 164 3.43 0.20 21.30
CA LEU B 164 2.62 1.30 21.80
C LEU B 164 3.17 2.69 21.47
N PRO B 165 4.49 2.91 21.37
CA PRO B 165 4.95 4.21 20.85
C PRO B 165 4.41 4.51 19.47
N PHE B 166 4.27 3.50 18.61
CA PHE B 166 3.65 3.78 17.31
C PHE B 166 2.17 4.11 17.46
N TRP B 167 1.46 3.38 18.33
CA TRP B 167 0.04 3.70 18.59
C TRP B 167 -0.10 5.16 18.99
N ASN B 168 0.75 5.64 19.90
CA ASN B 168 0.64 7.02 20.34
C ASN B 168 1.14 8.01 19.30
N GLU B 169 2.17 7.64 18.53
CA GLU B 169 2.81 8.58 17.61
C GLU B 169 2.00 8.81 16.35
N GLU B 170 1.44 7.74 15.78
CA GLU B 170 0.75 7.82 14.50
C GLU B 170 -0.73 7.40 14.53
N ILE B 171 -1.17 6.53 15.43
CA ILE B 171 -2.55 6.07 15.34
C ILE B 171 -3.51 6.94 16.13
N VAL B 172 -3.17 7.22 17.39
CA VAL B 172 -4.01 8.08 18.23
C VAL B 172 -4.34 9.40 17.54
N PRO B 173 -3.38 10.13 16.93
CA PRO B 173 -3.75 11.40 16.27
C PRO B 173 -4.79 11.22 15.18
N GLN B 174 -4.79 10.08 14.48
CA GLN B 174 -5.83 9.84 13.49
C GLN B 174 -7.18 9.62 14.16
N ILE B 175 -7.23 8.81 15.22
CA ILE B 175 -8.50 8.55 15.91
C ILE B 175 -9.08 9.85 16.46
N LYS B 176 -8.21 10.70 17.03
CA LYS B 176 -8.68 11.97 17.60
C LYS B 176 -9.27 12.88 16.55
N GLU B 177 -8.78 12.81 15.31
CA GLU B 177 -9.35 13.60 14.23
C GLU B 177 -10.59 12.96 13.65
N GLY B 178 -11.06 11.87 14.26
CA GLY B 178 -12.24 11.18 13.79
C GLY B 178 -12.02 10.31 12.58
N LYS B 179 -10.76 10.07 12.19
CA LYS B 179 -10.47 9.16 11.10
C LYS B 179 -10.74 7.73 11.55
N ARG B 180 -11.40 6.97 10.69
CA ARG B 180 -11.78 5.61 11.02
C ARG B 180 -10.62 4.69 10.65
N VAL B 181 -10.04 4.07 11.67
CA VAL B 181 -8.77 3.36 11.53
C VAL B 181 -9.03 1.88 11.38
N LEU B 182 -8.27 1.26 10.48
CA LEU B 182 -8.15 -0.18 10.37
C LEU B 182 -6.70 -0.55 10.62
N ILE B 183 -6.48 -1.48 11.57
CA ILE B 183 -5.13 -1.97 11.84
C ILE B 183 -5.10 -3.43 11.46
N ALA B 184 -4.23 -3.78 10.50
CA ALA B 184 -4.01 -5.16 10.10
C ALA B 184 -2.61 -5.56 10.57
N ALA B 185 -2.55 -6.42 11.57
CA ALA B 185 -1.23 -6.70 12.11
C ALA B 185 -1.19 -8.12 12.65
N HIS B 186 -0.47 -8.30 13.74
CA HIS B 186 -0.13 -9.61 14.25
C HIS B 186 -0.71 -9.76 15.64
N GLY B 187 -0.94 -11.00 16.05
CA GLY B 187 -1.59 -11.24 17.33
C GLY B 187 -0.90 -10.54 18.48
N ASN B 188 0.43 -10.63 18.55
CA ASN B 188 1.12 -10.07 19.70
C ASN B 188 1.27 -8.57 19.65
N SER B 189 1.36 -7.97 18.46
CA SER B 189 1.34 -6.52 18.43
C SER B 189 -0.07 -5.98 18.70
N LEU B 190 -1.12 -6.68 18.23
CA LEU B 190 -2.48 -6.26 18.57
C LEU B 190 -2.77 -6.43 20.06
N ARG B 191 -2.17 -7.45 20.70
CA ARG B 191 -2.32 -7.61 22.14
C ARG B 191 -1.90 -6.35 22.87
N GLY B 192 -0.85 -5.68 22.38
CA GLY B 192 -0.42 -4.46 23.03
C GLY B 192 -1.49 -3.39 23.00
N ILE B 193 -2.19 -3.27 21.88
CA ILE B 193 -3.26 -2.27 21.79
C ILE B 193 -4.43 -2.66 22.69
N VAL B 194 -4.81 -3.94 22.71
CA VAL B 194 -5.94 -4.38 23.53
C VAL B 194 -5.62 -4.19 25.00
N LYS B 195 -4.40 -4.57 25.41
CA LYS B 195 -4.00 -4.42 26.80
C LYS B 195 -4.08 -2.98 27.23
N HIS B 196 -3.59 -2.08 26.38
CA HIS B 196 -3.62 -0.65 26.67
C HIS B 196 -5.05 -0.12 26.72
N LEU B 197 -5.90 -0.53 25.78
CA LEU B 197 -7.26 0.00 25.72
C LEU B 197 -8.12 -0.46 26.90
N GLU B 198 -8.06 -1.72 27.28
CA GLU B 198 -8.92 -2.20 28.35
C GLU B 198 -8.23 -2.29 29.69
N GLY B 199 -6.96 -1.86 29.77
CA GLY B 199 -6.24 -1.93 31.03
C GLY B 199 -6.13 -3.34 31.58
N LEU B 200 -5.87 -4.32 30.73
CA LEU B 200 -5.81 -5.70 31.16
C LEU B 200 -4.50 -6.00 31.90
N SER B 201 -4.58 -7.00 32.78
CA SER B 201 -3.38 -7.46 33.46
C SER B 201 -2.49 -8.24 32.49
N GLU B 202 -1.27 -8.51 32.93
CA GLU B 202 -0.37 -9.36 32.16
C GLU B 202 -0.96 -10.75 31.96
N GLU B 203 -1.56 -11.32 33.01
CA GLU B 203 -2.13 -12.66 32.87
C GLU B 203 -3.37 -12.64 31.99
N ALA B 204 -4.18 -11.58 32.08
CA ALA B 204 -5.36 -11.50 31.23
C ALA B 204 -4.98 -11.36 29.76
N ILE B 205 -4.01 -10.50 29.44
CA ILE B 205 -3.61 -10.33 28.05
C ILE B 205 -2.95 -11.60 27.53
N MET B 206 -2.29 -12.35 28.39
CA MET B 206 -1.62 -13.54 27.93
C MET B 206 -2.59 -14.68 27.75
N GLU B 207 -3.73 -14.65 28.47
CA GLU B 207 -4.81 -15.60 28.26
C GLU B 207 -5.71 -15.23 27.09
N LEU B 208 -5.69 -13.97 26.66
CA LEU B 208 -6.52 -13.53 25.56
C LEU B 208 -5.95 -14.04 24.25
N ASN B 209 -6.74 -14.77 23.49
CA ASN B 209 -6.31 -15.23 22.17
C ASN B 209 -7.21 -14.56 21.14
N LEU B 210 -6.63 -13.68 20.36
CA LEU B 210 -7.37 -12.95 19.36
C LEU B 210 -7.59 -13.84 18.14
N PRO B 211 -8.83 -14.01 17.70
CA PRO B 211 -9.07 -14.85 16.53
C PRO B 211 -8.43 -14.25 15.29
N THR B 212 -8.08 -15.14 14.36
CA THR B 212 -7.53 -14.71 13.08
C THR B 212 -8.67 -14.47 12.10
N GLY B 213 -8.50 -13.46 11.24
CA GLY B 213 -9.44 -13.18 10.18
C GLY B 213 -10.80 -12.69 10.63
N ILE B 214 -10.96 -12.35 11.90
CA ILE B 214 -12.25 -11.90 12.46
C ILE B 214 -12.09 -10.41 12.80
N PRO B 215 -12.86 -9.52 12.18
CA PRO B 215 -12.75 -8.10 12.56
C PRO B 215 -13.09 -7.95 14.03
N ILE B 216 -12.22 -7.23 14.74
CA ILE B 216 -12.39 -6.96 16.15
C ILE B 216 -12.75 -5.50 16.28
N VAL B 217 -13.90 -5.21 16.89
CA VAL B 217 -14.47 -3.87 16.86
C VAL B 217 -14.46 -3.26 18.25
N TYR B 218 -13.89 -2.07 18.36
CA TYR B 218 -13.89 -1.26 19.56
C TYR B 218 -14.76 -0.03 19.34
N GLU B 219 -15.54 0.31 20.37
CA GLU B 219 -16.24 1.59 20.43
C GLU B 219 -15.56 2.40 21.51
N LEU B 220 -14.96 3.52 21.14
CA LEU B 220 -14.15 4.34 22.02
C LEU B 220 -14.84 5.65 22.30
N ASP B 221 -14.80 6.09 23.57
CA ASP B 221 -15.32 7.40 23.89
C ASP B 221 -14.30 8.50 23.55
N LYS B 222 -14.67 9.74 23.88
CA LYS B 222 -13.87 10.90 23.54
C LYS B 222 -12.47 10.84 24.13
N ASN B 223 -12.27 10.03 25.16
CA ASN B 223 -10.97 9.83 25.79
C ASN B 223 -10.22 8.64 25.21
N LEU B 224 -10.73 8.05 24.12
CA LEU B 224 -10.20 6.83 23.53
C LEU B 224 -10.28 5.65 24.50
N LYS B 225 -11.24 5.71 25.43
CA LYS B 225 -11.49 4.59 26.33
C LYS B 225 -12.67 3.76 25.84
N PRO B 226 -12.57 2.44 25.83
CA PRO B 226 -13.68 1.61 25.36
C PRO B 226 -14.92 1.79 26.22
N ILE B 227 -16.07 1.99 25.56
CA ILE B 227 -17.33 2.08 26.32
C ILE B 227 -17.88 0.71 26.65
N LYS B 228 -17.36 -0.33 26.03
CA LYS B 228 -17.67 -1.72 26.31
C LYS B 228 -16.50 -2.54 25.82
N PRO B 229 -16.43 -3.81 26.19
CA PRO B 229 -15.30 -4.63 25.72
C PRO B 229 -15.36 -4.87 24.21
N MET B 230 -14.22 -5.27 23.66
CA MET B 230 -14.16 -5.60 22.23
C MET B 230 -15.28 -6.56 21.85
N GLN B 231 -15.77 -6.42 20.63
CA GLN B 231 -16.77 -7.31 20.09
C GLN B 231 -16.32 -7.82 18.74
N PHE B 232 -16.70 -9.06 18.42
CA PHE B 232 -16.31 -9.70 17.18
C PHE B 232 -17.40 -9.53 16.13
N LEU B 233 -16.98 -9.22 14.91
CA LEU B 233 -17.89 -9.12 13.79
C LEU B 233 -18.03 -10.48 13.12
#